data_1N2X
#
_entry.id   1N2X
#
_cell.length_a   133.960
_cell.length_b   133.960
_cell.length_c   133.960
_cell.angle_alpha   90.00
_cell.angle_beta   90.00
_cell.angle_gamma   90.00
#
_symmetry.space_group_name_H-M   'P 21 3'
#
loop_
_entity.id
_entity.type
_entity.pdbx_description
1 polymer 'S-adenosyl-methyltransferase mraW'
2 non-polymer 'SULFATE ION'
3 non-polymer S-ADENOSYLMETHIONINE
4 water water
#
_entity_poly.entity_id   1
_entity_poly.type   'polypeptide(L)'
_entity_poly.pdbx_seq_one_letter_code
;GH(MSE)RKYSQRHIPV(MSE)VREVIEFLKPEDEKIILDCTVGEGGHSRAILEHCPGCRIIGIDVDSEVLRIAEEKLKE
FSDRVSLFKVSYREADFLLKTLGIEKVDGIL(MSE)DLGVSTYQLKGENRGFTFEREEPLD(MSE)R(MSE)DLESEVTA
QKVLNELPEEELARIIFEYGEEKRFARRIARKIVENRPLNTTLDLVKAVREALPSYEIRRRKRHFATKTFQAIRIYVNRE
LENLKEFLKKAEDLLNPGGRIVVISFHSLEDRIVKETFRNSKKLRILTEKPVRPSEEEIRENPRARSGRLRAAERIEEGG
D
;
_entity_poly.pdbx_strand_id   A,B
#
# COMPACT_ATOMS: atom_id res chain seq x y z
N HIS A 10 1.86 32.70 -24.26
CA HIS A 10 3.30 32.43 -24.52
C HIS A 10 3.66 32.69 -25.97
N ILE A 11 4.87 33.21 -26.19
CA ILE A 11 5.36 33.48 -27.55
C ILE A 11 6.49 32.50 -27.82
N PRO A 12 6.47 31.83 -29.00
CA PRO A 12 7.53 30.88 -29.36
C PRO A 12 8.92 31.50 -29.38
N VAL A 13 9.85 30.87 -28.66
CA VAL A 13 11.23 31.34 -28.58
C VAL A 13 12.04 30.99 -29.83
N VAL A 15 11.66 31.38 -32.99
CA VAL A 15 10.91 30.68 -34.03
C VAL A 15 11.63 30.69 -35.37
N ARG A 16 12.25 31.82 -35.73
CA ARG A 16 12.97 31.93 -36.98
C ARG A 16 14.09 30.90 -37.08
N GLU A 17 14.88 30.76 -36.02
CA GLU A 17 15.98 29.79 -36.03
C GLU A 17 15.48 28.35 -35.98
N VAL A 18 14.34 28.14 -35.33
CA VAL A 18 13.77 26.80 -35.26
C VAL A 18 13.42 26.36 -36.67
N ILE A 19 12.71 27.23 -37.39
CA ILE A 19 12.31 26.95 -38.77
C ILE A 19 13.54 26.75 -39.66
N GLU A 20 14.52 27.62 -39.50
CA GLU A 20 15.75 27.53 -40.27
C GLU A 20 16.43 26.16 -40.13
N PHE A 21 16.62 25.70 -38.89
CA PHE A 21 17.29 24.42 -38.68
C PHE A 21 16.43 23.16 -38.82
N LEU A 22 15.15 23.28 -38.53
N LEU A 22 15.14 23.27 -38.52
CA LEU A 22 14.26 22.13 -38.62
CA LEU A 22 14.25 22.12 -38.65
C LEU A 22 13.92 21.86 -40.09
C LEU A 22 13.97 21.84 -40.11
N LYS A 23 13.93 22.92 -40.90
CA LYS A 23 13.64 22.81 -42.33
C LYS A 23 12.31 22.15 -42.66
N PRO A 24 11.21 22.63 -42.04
CA PRO A 24 9.93 22.01 -42.36
C PRO A 24 9.51 22.41 -43.78
N GLU A 25 9.37 21.42 -44.65
CA GLU A 25 8.97 21.68 -46.03
C GLU A 25 8.36 20.44 -46.64
N ASP A 26 7.78 20.59 -47.83
CA ASP A 26 7.15 19.50 -48.56
C ASP A 26 6.14 18.78 -47.66
N GLU A 27 6.30 17.47 -47.46
CA GLU A 27 5.37 16.74 -46.59
C GLU A 27 6.11 16.03 -45.45
N LYS A 28 7.00 16.77 -44.78
CA LYS A 28 7.77 16.18 -43.68
C LYS A 28 6.89 15.93 -42.47
N ILE A 29 7.26 14.94 -41.65
CA ILE A 29 6.54 14.64 -40.41
C ILE A 29 7.47 15.14 -39.31
N ILE A 30 6.93 15.95 -38.41
CA ILE A 30 7.72 16.57 -37.35
C ILE A 30 7.21 16.12 -35.98
N LEU A 31 8.12 15.75 -35.10
CA LEU A 31 7.74 15.35 -33.75
C LEU A 31 8.08 16.55 -32.86
N ASP A 32 7.07 17.20 -32.27
CA ASP A 32 7.31 18.32 -31.35
C ASP A 32 7.25 17.65 -29.97
N CYS A 33 8.41 17.40 -29.38
CA CYS A 33 8.49 16.71 -28.08
C CYS A 33 7.98 17.48 -26.88
N THR A 34 7.80 18.78 -27.03
CA THR A 34 7.40 19.63 -25.94
C THR A 34 6.43 20.65 -26.52
N VAL A 35 5.33 20.16 -27.07
CA VAL A 35 4.41 21.05 -27.75
C VAL A 35 3.88 22.23 -26.95
N GLY A 36 3.69 22.05 -25.64
CA GLY A 36 3.23 23.13 -24.80
C GLY A 36 1.92 23.73 -25.29
N GLU A 37 1.84 25.06 -25.35
CA GLU A 37 0.64 25.73 -25.83
C GLU A 37 0.53 25.73 -27.34
N GLY A 38 1.50 25.11 -27.99
CA GLY A 38 1.45 24.99 -29.45
C GLY A 38 2.12 26.07 -30.29
N GLY A 39 2.88 26.97 -29.65
CA GLY A 39 3.54 28.05 -30.38
C GLY A 39 4.43 27.66 -31.55
N HIS A 40 5.43 26.83 -31.30
CA HIS A 40 6.32 26.40 -32.37
C HIS A 40 5.57 25.58 -33.41
N SER A 41 4.70 24.69 -32.94
CA SER A 41 3.93 23.87 -33.88
C SER A 41 3.08 24.71 -34.83
N ARG A 42 2.40 25.71 -34.30
CA ARG A 42 1.58 26.57 -35.15
C ARG A 42 2.44 27.24 -36.22
N ALA A 43 3.61 27.73 -35.83
CA ALA A 43 4.51 28.38 -36.78
C ALA A 43 4.95 27.43 -37.89
N ILE A 44 5.24 26.19 -37.52
CA ILE A 44 5.65 25.19 -38.49
C ILE A 44 4.51 24.92 -39.48
N LEU A 45 3.29 24.76 -38.96
CA LEU A 45 2.13 24.46 -39.80
C LEU A 45 1.80 25.62 -40.74
N GLU A 46 2.04 26.85 -40.28
CA GLU A 46 1.78 28.03 -41.10
C GLU A 46 2.83 28.12 -42.20
N HIS A 47 4.06 27.75 -41.86
CA HIS A 47 5.16 27.80 -42.79
C HIS A 47 5.16 26.68 -43.84
N CYS A 48 4.66 25.52 -43.45
CA CYS A 48 4.65 24.34 -44.32
C CYS A 48 3.25 23.73 -44.43
N PRO A 49 2.55 24.01 -45.54
CA PRO A 49 1.20 23.46 -45.70
C PRO A 49 1.06 21.95 -45.87
N GLY A 50 2.16 21.27 -46.21
CA GLY A 50 2.05 19.84 -46.39
C GLY A 50 2.60 19.00 -45.23
N CYS A 51 3.17 19.65 -44.23
CA CYS A 51 3.75 18.92 -43.11
C CYS A 51 2.70 18.32 -42.15
N ARG A 52 3.12 17.35 -41.36
CA ARG A 52 2.26 16.69 -40.37
C ARG A 52 3.03 16.80 -39.06
N ILE A 53 2.34 17.11 -37.97
CA ILE A 53 3.02 17.21 -36.68
C ILE A 53 2.40 16.27 -35.66
N ILE A 54 3.25 15.59 -34.89
CA ILE A 54 2.81 14.74 -33.78
C ILE A 54 3.32 15.58 -32.60
N GLY A 55 2.41 16.14 -31.81
CA GLY A 55 2.82 16.98 -30.70
C GLY A 55 2.53 16.32 -29.37
N ILE A 56 3.50 16.34 -28.46
CA ILE A 56 3.29 15.68 -27.18
C ILE A 56 3.71 16.55 -26.01
N ASP A 57 3.11 16.28 -24.86
CA ASP A 57 3.45 17.00 -23.63
C ASP A 57 2.97 16.12 -22.49
N VAL A 58 3.49 16.35 -21.28
CA VAL A 58 3.04 15.58 -20.13
C VAL A 58 1.99 16.37 -19.35
N ASP A 59 1.81 17.65 -19.70
CA ASP A 59 0.85 18.53 -19.01
C ASP A 59 -0.46 18.65 -19.80
N SER A 60 -1.48 17.94 -19.36
N SER A 60 -1.47 17.94 -19.34
CA SER A 60 -2.77 17.97 -20.06
CA SER A 60 -2.77 17.96 -20.02
C SER A 60 -3.38 19.37 -20.15
C SER A 60 -3.39 19.35 -20.13
N GLU A 61 -3.08 20.22 -19.17
CA GLU A 61 -3.64 21.56 -19.20
C GLU A 61 -3.11 22.41 -20.35
N VAL A 62 -1.84 22.25 -20.71
N VAL A 62 -1.85 22.21 -20.71
CA VAL A 62 -1.35 23.03 -21.84
CA VAL A 62 -1.27 22.97 -21.80
C VAL A 62 -1.81 22.37 -23.14
C VAL A 62 -1.73 22.36 -23.13
N LEU A 63 -1.98 21.04 -23.13
CA LEU A 63 -2.45 20.36 -24.35
C LEU A 63 -3.85 20.88 -24.72
N ARG A 64 -4.64 21.21 -23.71
CA ARG A 64 -5.98 21.76 -23.96
C ARG A 64 -5.83 23.08 -24.69
N ILE A 65 -4.85 23.88 -24.26
CA ILE A 65 -4.61 25.17 -24.88
C ILE A 65 -4.15 24.96 -26.31
N ALA A 66 -3.20 24.04 -26.50
CA ALA A 66 -2.69 23.78 -27.85
C ALA A 66 -3.78 23.28 -28.81
N GLU A 67 -4.68 22.44 -28.31
CA GLU A 67 -5.70 21.91 -29.20
C GLU A 67 -6.59 23.02 -29.74
N GLU A 68 -6.88 24.02 -28.91
CA GLU A 68 -7.71 25.14 -29.38
C GLU A 68 -6.90 26.06 -30.29
N LYS A 69 -5.66 26.37 -29.89
N LYS A 69 -5.66 26.37 -29.89
CA LYS A 69 -4.81 27.25 -30.69
CA LYS A 69 -4.79 27.24 -30.67
C LYS A 69 -4.50 26.69 -32.07
C LYS A 69 -4.49 26.69 -32.06
N LEU A 70 -4.39 25.37 -32.16
CA LEU A 70 -4.08 24.71 -33.42
C LEU A 70 -5.29 24.25 -34.24
N LYS A 71 -6.49 24.65 -33.79
CA LYS A 71 -7.80 24.32 -34.40
C LYS A 71 -7.82 24.30 -35.94
N GLU A 72 -7.37 25.39 -36.52
CA GLU A 72 -7.39 25.55 -37.97
C GLU A 72 -6.49 24.56 -38.72
N PHE A 73 -5.60 23.89 -37.99
CA PHE A 73 -4.71 22.90 -38.61
C PHE A 73 -4.99 21.50 -38.08
N SER A 74 -6.15 21.30 -37.47
CA SER A 74 -6.47 20.02 -36.86
C SER A 74 -6.32 18.78 -37.72
N ASP A 75 -6.41 18.92 -39.05
CA ASP A 75 -6.25 17.75 -39.90
C ASP A 75 -4.79 17.34 -40.10
N ARG A 76 -3.85 18.23 -39.74
CA ARG A 76 -2.42 17.95 -39.92
C ARG A 76 -1.62 17.87 -38.63
N VAL A 77 -2.24 18.12 -37.48
CA VAL A 77 -1.49 18.00 -36.23
C VAL A 77 -2.35 17.19 -35.26
N SER A 78 -1.71 16.30 -34.52
CA SER A 78 -2.38 15.48 -33.53
C SER A 78 -1.62 15.63 -32.23
N LEU A 79 -2.34 15.63 -31.12
CA LEU A 79 -1.74 15.85 -29.79
C LEU A 79 -1.92 14.64 -28.86
N PHE A 80 -0.91 14.37 -28.04
CA PHE A 80 -0.95 13.22 -27.15
C PHE A 80 -0.29 13.55 -25.81
N LYS A 81 -0.82 12.96 -24.74
N LYS A 81 -0.82 12.97 -24.73
CA LYS A 81 -0.24 13.17 -23.43
CA LYS A 81 -0.24 13.18 -23.42
C LYS A 81 0.73 12.02 -23.19
C LYS A 81 0.74 12.03 -23.18
N VAL A 82 2.01 12.26 -23.45
CA VAL A 82 3.01 11.23 -23.25
C VAL A 82 4.38 11.88 -23.12
N SER A 83 5.25 11.27 -22.33
CA SER A 83 6.60 11.79 -22.14
C SER A 83 7.38 11.50 -23.41
N TYR A 84 8.26 12.41 -23.82
CA TYR A 84 9.02 12.14 -25.03
C TYR A 84 9.88 10.89 -24.88
N ARG A 85 10.08 10.42 -23.64
CA ARG A 85 10.86 9.20 -23.44
C ARG A 85 10.15 8.00 -24.06
N GLU A 86 8.84 8.13 -24.24
CA GLU A 86 8.03 7.09 -24.86
C GLU A 86 7.55 7.48 -26.26
N ALA A 87 8.20 8.45 -26.88
CA ALA A 87 7.82 8.90 -28.22
C ALA A 87 7.96 7.80 -29.25
N ASP A 88 8.99 6.97 -29.12
CA ASP A 88 9.21 5.89 -30.06
C ASP A 88 8.01 4.96 -30.20
N PHE A 89 7.46 4.49 -29.07
CA PHE A 89 6.30 3.61 -29.16
C PHE A 89 5.03 4.36 -29.52
N LEU A 90 4.92 5.63 -29.12
CA LEU A 90 3.72 6.38 -29.52
C LEU A 90 3.70 6.38 -31.07
N LEU A 91 4.83 6.72 -31.67
CA LEU A 91 4.90 6.78 -33.14
C LEU A 91 4.53 5.42 -33.72
N LYS A 92 5.02 4.34 -33.12
CA LYS A 92 4.68 3.03 -33.64
C LYS A 92 3.18 2.76 -33.60
N THR A 93 2.50 3.17 -32.52
CA THR A 93 1.05 2.93 -32.45
C THR A 93 0.32 3.72 -33.51
N LEU A 94 0.98 4.73 -34.06
CA LEU A 94 0.37 5.56 -35.10
C LEU A 94 0.77 5.07 -36.49
N GLY A 95 1.62 4.05 -36.54
CA GLY A 95 2.07 3.50 -37.81
C GLY A 95 3.27 4.24 -38.38
N ILE A 96 3.94 5.02 -37.53
CA ILE A 96 5.10 5.82 -37.95
C ILE A 96 6.37 5.26 -37.32
N GLU A 97 7.36 4.93 -38.16
CA GLU A 97 8.61 4.37 -37.65
C GLU A 97 9.69 5.42 -37.50
N LYS A 98 9.69 6.42 -38.38
CA LYS A 98 10.68 7.50 -38.33
C LYS A 98 10.06 8.84 -38.70
N VAL A 99 10.70 9.93 -38.29
CA VAL A 99 10.17 11.26 -38.59
C VAL A 99 11.29 12.05 -39.27
N ASP A 100 10.95 13.20 -39.83
CA ASP A 100 11.92 14.03 -40.54
C ASP A 100 12.44 15.18 -39.67
N GLY A 101 11.82 15.38 -38.52
CA GLY A 101 12.26 16.46 -37.69
C GLY A 101 11.84 16.24 -36.25
N ILE A 102 12.69 16.67 -35.32
CA ILE A 102 12.41 16.54 -33.89
C ILE A 102 12.71 17.89 -33.27
N LEU A 103 11.77 18.41 -32.48
CA LEU A 103 11.96 19.70 -31.83
C LEU A 103 11.74 19.55 -30.33
N ASP A 105 11.85 22.10 -26.80
CA ASP A 105 11.95 23.43 -26.23
C ASP A 105 11.80 23.11 -24.75
N LEU A 106 12.94 23.08 -24.06
CA LEU A 106 12.96 22.73 -22.66
C LEU A 106 12.59 23.88 -21.74
N GLY A 107 12.24 23.56 -20.49
CA GLY A 107 11.87 24.61 -19.56
C GLY A 107 10.39 24.64 -19.18
N VAL A 108 9.88 25.83 -18.86
CA VAL A 108 8.47 26.02 -18.45
C VAL A 108 7.70 26.97 -19.36
N SER A 109 6.46 26.63 -19.69
CA SER A 109 5.65 27.51 -20.55
C SER A 109 5.16 28.69 -19.71
N THR A 110 5.02 29.85 -20.34
CA THR A 110 4.59 31.02 -19.59
C THR A 110 3.26 30.77 -18.91
N TYR A 111 2.40 29.96 -19.53
CA TYR A 111 1.12 29.64 -18.93
C TYR A 111 1.35 28.80 -17.67
N GLN A 112 2.35 27.91 -17.73
CA GLN A 112 2.65 27.08 -16.56
C GLN A 112 3.16 28.00 -15.46
N LEU A 113 3.94 28.99 -15.85
CA LEU A 113 4.50 29.94 -14.89
C LEU A 113 3.48 30.89 -14.29
N LYS A 114 2.66 31.47 -15.15
CA LYS A 114 1.70 32.47 -14.72
C LYS A 114 0.25 32.08 -14.51
N GLY A 115 -0.19 30.97 -15.10
CA GLY A 115 -1.58 30.62 -14.93
C GLY A 115 -2.00 29.31 -14.29
N GLU A 116 -1.07 28.42 -13.99
CA GLU A 116 -1.46 27.13 -13.41
C GLU A 116 -1.53 27.06 -11.89
N ASN A 117 -0.99 28.07 -11.21
CA ASN A 117 -0.99 28.10 -9.74
C ASN A 117 -0.32 26.85 -9.16
N ARG A 118 0.79 26.44 -9.76
CA ARG A 118 1.51 25.27 -9.26
C ARG A 118 2.84 25.64 -8.57
N GLY A 119 3.07 26.94 -8.37
CA GLY A 119 4.30 27.35 -7.71
C GLY A 119 5.61 27.27 -8.50
N PHE A 120 5.53 27.28 -9.82
CA PHE A 120 6.75 27.27 -10.64
C PHE A 120 7.49 28.60 -10.45
N THR A 121 6.72 29.65 -10.17
CA THR A 121 7.26 31.01 -10.01
C THR A 121 7.43 31.44 -8.56
N PHE A 122 8.35 32.37 -8.35
CA PHE A 122 8.64 32.90 -7.02
C PHE A 122 8.04 34.30 -6.85
N GLU A 123 7.29 34.76 -7.84
CA GLU A 123 6.72 36.10 -7.79
C GLU A 123 5.41 36.28 -7.04
N ARG A 124 4.62 35.23 -6.88
CA ARG A 124 3.38 35.34 -6.13
C ARG A 124 3.20 34.12 -5.24
N GLU A 125 2.35 34.24 -4.23
CA GLU A 125 2.12 33.14 -3.31
C GLU A 125 1.28 32.03 -3.95
N GLU A 126 1.88 30.86 -4.10
CA GLU A 126 1.21 29.69 -4.67
C GLU A 126 1.66 28.42 -3.95
N PRO A 127 0.90 27.32 -4.10
CA PRO A 127 1.30 26.08 -3.43
C PRO A 127 2.61 25.56 -4.03
N LEU A 128 3.36 24.80 -3.25
CA LEU A 128 4.63 24.23 -3.73
C LEU A 128 4.30 22.91 -4.44
N ASP A 129 3.93 23.01 -5.71
CA ASP A 129 3.55 21.82 -6.47
C ASP A 129 4.65 21.50 -7.50
N ARG A 131 4.62 20.21 -10.40
CA ARG A 131 4.54 19.03 -11.25
C ARG A 131 4.04 19.49 -12.60
N ASP A 133 3.18 17.25 -14.77
CA ASP A 133 2.14 16.23 -14.92
C ASP A 133 1.45 16.08 -13.56
N LEU A 134 0.26 16.66 -13.40
CA LEU A 134 -0.46 16.57 -12.12
C LEU A 134 -0.79 15.16 -11.68
N GLU A 135 -0.59 14.19 -12.57
CA GLU A 135 -0.85 12.80 -12.23
C GLU A 135 0.35 12.16 -11.51
N SER A 136 1.51 12.82 -11.53
CA SER A 136 2.66 12.24 -10.84
C SER A 136 2.50 12.42 -9.34
N GLU A 137 3.19 11.60 -8.58
CA GLU A 137 3.06 11.63 -7.13
C GLU A 137 3.89 12.66 -6.37
N VAL A 138 5.12 12.86 -6.80
CA VAL A 138 6.00 13.77 -6.08
C VAL A 138 5.79 15.27 -6.34
N THR A 139 5.61 16.02 -5.26
CA THR A 139 5.42 17.47 -5.33
C THR A 139 6.65 18.18 -4.75
N ALA A 140 6.82 19.46 -5.10
CA ALA A 140 7.92 20.25 -4.57
C ALA A 140 7.79 20.29 -3.04
N GLN A 141 6.55 20.40 -2.55
CA GLN A 141 6.36 20.45 -1.10
C GLN A 141 6.93 19.22 -0.41
N LYS A 142 6.59 18.03 -0.91
CA LYS A 142 7.08 16.78 -0.32
C LYS A 142 8.61 16.71 -0.36
N VAL A 143 9.17 17.12 -1.49
CA VAL A 143 10.62 17.10 -1.65
C VAL A 143 11.27 18.04 -0.61
N LEU A 144 10.78 19.26 -0.56
CA LEU A 144 11.34 20.25 0.34
C LEU A 144 11.17 19.90 1.82
N ASN A 145 10.06 19.28 2.17
CA ASN A 145 9.82 18.94 3.56
C ASN A 145 10.33 17.59 4.02
N GLU A 146 10.57 16.68 3.09
CA GLU A 146 10.98 15.34 3.48
C GLU A 146 12.33 14.79 3.04
N LEU A 147 12.93 15.34 2.00
CA LEU A 147 14.21 14.80 1.56
C LEU A 147 15.31 15.06 2.58
N PRO A 148 16.29 14.15 2.65
CA PRO A 148 17.40 14.35 3.59
C PRO A 148 18.10 15.64 3.18
N GLU A 149 18.61 16.37 4.16
CA GLU A 149 19.28 17.64 3.89
C GLU A 149 20.44 17.52 2.90
N GLU A 150 21.21 16.44 3.00
CA GLU A 150 22.34 16.27 2.10
C GLU A 150 21.89 16.08 0.67
N GLU A 151 20.71 15.48 0.49
CA GLU A 151 20.22 15.29 -0.88
C GLU A 151 19.72 16.62 -1.42
N LEU A 152 19.09 17.43 -0.59
CA LEU A 152 18.64 18.75 -1.03
C LEU A 152 19.87 19.57 -1.46
N ALA A 153 20.95 19.48 -0.69
CA ALA A 153 22.17 20.21 -1.02
C ALA A 153 22.68 19.76 -2.39
N ARG A 154 22.68 18.45 -2.61
CA ARG A 154 23.16 17.91 -3.89
C ARG A 154 22.31 18.43 -5.05
N ILE A 155 21.00 18.44 -4.86
CA ILE A 155 20.07 18.89 -5.89
C ILE A 155 20.25 20.36 -6.25
N ILE A 156 20.40 21.20 -5.23
CA ILE A 156 20.56 22.63 -5.45
C ILE A 156 21.90 22.92 -6.11
N PHE A 157 22.91 22.15 -5.74
CA PHE A 157 24.24 22.32 -6.35
C PHE A 157 24.21 21.81 -7.81
N GLU A 158 23.67 20.62 -8.01
CA GLU A 158 23.69 20.04 -9.35
C GLU A 158 22.70 20.63 -10.35
N TYR A 159 21.44 20.69 -9.97
CA TYR A 159 20.39 21.22 -10.84
C TYR A 159 20.21 22.72 -10.76
N GLY A 160 20.56 23.30 -9.62
CA GLY A 160 20.41 24.73 -9.49
C GLY A 160 21.69 25.45 -9.88
N GLU A 161 22.79 24.73 -9.89
CA GLU A 161 24.09 25.30 -10.19
C GLU A 161 24.47 26.38 -9.15
N GLU A 162 24.07 26.17 -7.91
CA GLU A 162 24.45 27.09 -6.82
C GLU A 162 25.76 26.47 -6.35
N LYS A 163 26.85 26.89 -6.99
CA LYS A 163 28.17 26.32 -6.70
C LYS A 163 28.84 26.76 -5.42
N ARG A 164 28.27 27.74 -4.73
CA ARG A 164 28.87 28.18 -3.48
C ARG A 164 27.91 28.08 -2.31
N PHE A 165 26.65 28.43 -2.54
CA PHE A 165 25.68 28.45 -1.46
C PHE A 165 24.70 27.29 -1.32
N ALA A 166 24.88 26.22 -2.10
CA ALA A 166 23.94 25.10 -2.04
C ALA A 166 23.74 24.53 -0.63
N ARG A 167 24.81 24.30 0.12
CA ARG A 167 24.63 23.74 1.47
C ARG A 167 23.86 24.67 2.40
N ARG A 168 24.13 25.96 2.31
CA ARG A 168 23.45 26.91 3.17
C ARG A 168 21.99 27.05 2.78
N ILE A 169 21.69 26.95 1.48
CA ILE A 169 20.29 27.04 1.06
C ILE A 169 19.55 25.80 1.59
N ALA A 170 20.18 24.63 1.48
CA ALA A 170 19.54 23.41 1.97
C ALA A 170 19.28 23.51 3.49
N ARG A 171 20.25 24.06 4.22
CA ARG A 171 20.11 24.23 5.66
C ARG A 171 18.92 25.15 5.98
N LYS A 172 18.81 26.26 5.25
CA LYS A 172 17.69 27.18 5.50
C LYS A 172 16.34 26.57 5.14
N ILE A 173 16.31 25.72 4.10
CA ILE A 173 15.05 25.08 3.74
C ILE A 173 14.64 24.22 4.95
N VAL A 174 15.56 23.41 5.44
CA VAL A 174 15.26 22.56 6.57
C VAL A 174 14.83 23.37 7.81
N GLU A 175 15.51 24.48 8.06
CA GLU A 175 15.18 25.33 9.21
C GLU A 175 13.80 25.99 9.07
N ASN A 176 13.32 26.06 7.83
CA ASN A 176 12.01 26.66 7.55
C ASN A 176 10.85 25.68 7.44
N ARG A 177 11.12 24.40 7.71
CA ARG A 177 10.07 23.38 7.62
C ARG A 177 9.02 23.51 8.72
N PRO A 178 7.75 23.20 8.40
CA PRO A 178 7.32 22.75 7.07
C PRO A 178 7.05 23.92 6.12
N LEU A 179 7.47 23.80 4.86
CA LEU A 179 7.22 24.85 3.87
C LEU A 179 5.86 24.55 3.23
N ASN A 180 5.10 25.59 2.90
CA ASN A 180 3.78 25.41 2.29
C ASN A 180 3.54 26.19 1.00
N THR A 181 4.21 27.33 0.84
CA THR A 181 4.02 28.16 -0.34
C THR A 181 5.32 28.60 -0.96
N THR A 182 5.22 29.14 -2.17
CA THR A 182 6.38 29.66 -2.88
C THR A 182 7.09 30.73 -2.03
N LEU A 183 6.32 31.51 -1.27
CA LEU A 183 6.94 32.54 -0.45
C LEU A 183 7.79 31.94 0.67
N ASP A 184 7.44 30.75 1.14
CA ASP A 184 8.22 30.09 2.19
C ASP A 184 9.57 29.68 1.61
N LEU A 185 9.59 29.23 0.36
CA LEU A 185 10.85 28.84 -0.27
C LEU A 185 11.71 30.09 -0.50
N VAL A 186 11.08 31.17 -0.96
CA VAL A 186 11.79 32.42 -1.18
C VAL A 186 12.46 32.86 0.13
N LYS A 187 11.72 32.76 1.24
CA LYS A 187 12.22 33.14 2.57
C LYS A 187 13.47 32.34 2.94
N ALA A 188 13.43 31.03 2.70
CA ALA A 188 14.58 30.16 2.98
C ALA A 188 15.80 30.60 2.17
N VAL A 189 15.62 30.82 0.87
CA VAL A 189 16.76 31.23 0.06
C VAL A 189 17.28 32.61 0.48
N ARG A 190 16.37 33.50 0.83
CA ARG A 190 16.78 34.84 1.25
C ARG A 190 17.64 34.77 2.53
N GLU A 191 17.25 33.90 3.45
CA GLU A 191 18.00 33.77 4.69
C GLU A 191 19.37 33.10 4.48
N ALA A 192 19.52 32.38 3.36
CA ALA A 192 20.78 31.72 3.06
C ALA A 192 21.80 32.60 2.33
N LEU A 193 21.33 33.65 1.66
CA LEU A 193 22.22 34.53 0.89
C LEU A 193 22.43 35.90 1.52
N PRO A 194 23.69 36.32 1.69
CA PRO A 194 23.95 37.65 2.30
C PRO A 194 23.38 38.74 1.40
N SER A 195 23.05 39.89 1.99
CA SER A 195 22.52 41.02 1.22
C SER A 195 23.39 41.37 0.02
N TYR A 196 24.71 41.42 0.20
CA TYR A 196 25.57 41.78 -0.92
C TYR A 196 25.48 40.81 -2.09
N GLU A 197 25.22 39.54 -1.79
CA GLU A 197 25.11 38.49 -2.81
C GLU A 197 23.79 38.62 -3.56
N ILE A 198 22.72 38.91 -2.84
CA ILE A 198 21.41 39.09 -3.47
C ILE A 198 21.49 40.25 -4.46
N ARG A 199 22.12 41.35 -4.03
CA ARG A 199 22.25 42.53 -4.88
C ARG A 199 23.17 42.29 -6.06
N ARG A 200 24.22 41.51 -5.85
CA ARG A 200 25.19 41.22 -6.91
C ARG A 200 24.57 40.48 -8.10
N ARG A 201 23.66 39.55 -7.82
CA ARG A 201 23.01 38.75 -8.86
C ARG A 201 22.12 39.52 -9.84
N LYS A 202 22.13 39.09 -11.09
CA LYS A 202 21.32 39.73 -12.12
C LYS A 202 19.87 39.26 -11.98
N ARG A 203 19.67 37.94 -11.97
CA ARG A 203 18.34 37.38 -11.84
C ARG A 203 17.92 37.32 -10.38
N HIS A 204 16.62 37.24 -10.13
CA HIS A 204 16.09 37.17 -8.78
C HIS A 204 16.85 36.04 -8.07
N PHE A 205 17.24 36.29 -6.83
CA PHE A 205 18.01 35.33 -6.05
C PHE A 205 17.44 33.93 -5.86
N ALA A 206 16.11 33.78 -5.94
CA ALA A 206 15.49 32.46 -5.77
C ALA A 206 15.42 31.64 -7.05
N THR A 207 15.75 32.26 -8.17
CA THR A 207 15.67 31.59 -9.46
C THR A 207 16.29 30.19 -9.53
N LYS A 208 17.56 30.07 -9.18
CA LYS A 208 18.25 28.78 -9.25
C LYS A 208 17.68 27.69 -8.35
N THR A 209 17.33 28.05 -7.12
CA THR A 209 16.77 27.04 -6.21
C THR A 209 15.42 26.54 -6.75
N PHE A 210 14.58 27.45 -7.22
CA PHE A 210 13.27 27.02 -7.74
C PHE A 210 13.49 26.08 -8.91
N GLN A 211 14.46 26.42 -9.76
CA GLN A 211 14.79 25.60 -10.93
C GLN A 211 15.25 24.20 -10.51
N ALA A 212 16.13 24.13 -9.51
CA ALA A 212 16.63 22.86 -9.04
C ALA A 212 15.52 21.94 -8.54
N ILE A 213 14.58 22.49 -7.77
CA ILE A 213 13.50 21.67 -7.24
C ILE A 213 12.59 21.22 -8.40
N ARG A 214 12.33 22.12 -9.34
CA ARG A 214 11.47 21.79 -10.49
C ARG A 214 12.06 20.64 -11.32
N ILE A 215 13.35 20.73 -11.63
CA ILE A 215 14.02 19.69 -12.41
C ILE A 215 13.97 18.34 -11.70
N TYR A 216 14.17 18.34 -10.38
CA TYR A 216 14.13 17.10 -9.62
C TYR A 216 12.72 16.49 -9.69
N VAL A 217 11.73 17.33 -9.42
CA VAL A 217 10.33 16.90 -9.41
C VAL A 217 9.90 16.34 -10.75
N ASN A 218 10.40 16.92 -11.82
CA ASN A 218 10.02 16.48 -13.16
C ASN A 218 11.02 15.63 -13.90
N ARG A 219 12.09 15.24 -13.20
CA ARG A 219 13.13 14.40 -13.76
C ARG A 219 13.58 14.90 -15.11
N GLU A 220 13.67 16.22 -15.23
CA GLU A 220 14.02 16.85 -16.50
C GLU A 220 15.36 16.50 -17.11
N LEU A 221 16.41 16.39 -16.29
CA LEU A 221 17.71 16.07 -16.85
C LEU A 221 17.86 14.60 -17.19
N GLU A 222 17.30 13.74 -16.35
CA GLU A 222 17.33 12.30 -16.58
C GLU A 222 16.54 11.98 -17.85
N ASN A 223 15.38 12.61 -18.02
CA ASN A 223 14.57 12.37 -19.22
C ASN A 223 15.32 12.80 -20.48
N LEU A 224 15.87 14.02 -20.44
CA LEU A 224 16.59 14.56 -21.58
C LEU A 224 17.77 13.67 -22.00
N LYS A 225 18.59 13.30 -21.03
CA LYS A 225 19.74 12.46 -21.33
C LYS A 225 19.36 11.13 -21.97
N GLU A 226 18.39 10.44 -21.37
CA GLU A 226 17.95 9.17 -21.89
C GLU A 226 17.35 9.27 -23.28
N PHE A 227 16.52 10.29 -23.51
CA PHE A 227 15.91 10.47 -24.82
C PHE A 227 16.92 10.81 -25.92
N LEU A 228 17.77 11.79 -25.66
CA LEU A 228 18.76 12.22 -26.65
C LEU A 228 19.72 11.14 -27.10
N LYS A 229 19.99 10.16 -26.24
CA LYS A 229 20.91 9.06 -26.59
C LYS A 229 20.38 8.30 -27.80
N LYS A 230 19.05 8.13 -27.83
CA LYS A 230 18.38 7.37 -28.87
C LYS A 230 17.63 8.19 -29.91
N ALA A 231 17.48 9.49 -29.71
CA ALA A 231 16.75 10.32 -30.65
C ALA A 231 17.12 10.09 -32.12
N GLU A 232 18.40 9.87 -32.39
CA GLU A 232 18.89 9.64 -33.75
C GLU A 232 18.21 8.48 -34.45
N ASP A 233 17.83 7.46 -33.68
CA ASP A 233 17.17 6.30 -34.24
C ASP A 233 15.77 6.59 -34.78
N LEU A 234 15.19 7.73 -34.43
CA LEU A 234 13.86 8.09 -34.90
C LEU A 234 13.88 8.94 -36.18
N LEU A 235 15.07 9.37 -36.58
CA LEU A 235 15.22 10.23 -37.75
C LEU A 235 15.49 9.56 -39.08
N ASN A 236 14.79 10.02 -40.12
CA ASN A 236 15.02 9.52 -41.47
C ASN A 236 16.33 10.16 -41.91
N PRO A 237 16.95 9.61 -42.97
CA PRO A 237 18.21 10.19 -43.45
C PRO A 237 17.96 11.67 -43.70
N GLY A 238 18.90 12.52 -43.30
CA GLY A 238 18.71 13.95 -43.51
C GLY A 238 17.76 14.61 -42.52
N GLY A 239 17.19 13.83 -41.61
CA GLY A 239 16.28 14.40 -40.62
C GLY A 239 17.01 15.37 -39.70
N ARG A 240 16.26 16.31 -39.13
CA ARG A 240 16.84 17.32 -38.25
C ARG A 240 16.32 17.27 -36.82
N ILE A 241 17.21 17.46 -35.85
CA ILE A 241 16.81 17.53 -34.46
C ILE A 241 17.30 18.89 -33.95
N VAL A 242 16.37 19.65 -33.37
CA VAL A 242 16.65 20.96 -32.84
C VAL A 242 16.23 21.02 -31.39
N VAL A 243 17.12 21.51 -30.53
CA VAL A 243 16.83 21.60 -29.11
C VAL A 243 17.15 22.99 -28.56
N ILE A 244 16.24 23.56 -27.79
CA ILE A 244 16.50 24.85 -27.17
C ILE A 244 16.59 24.60 -25.68
N SER A 245 17.74 24.93 -25.10
CA SER A 245 17.95 24.74 -23.67
C SER A 245 18.02 26.12 -22.99
N PHE A 246 17.88 26.14 -21.67
CA PHE A 246 17.90 27.39 -20.92
C PHE A 246 18.71 27.19 -19.65
N HIS A 247 19.41 26.07 -19.58
CA HIS A 247 20.20 25.67 -18.42
C HIS A 247 21.56 25.18 -18.93
N SER A 248 22.65 25.66 -18.34
CA SER A 248 23.97 25.25 -18.79
C SER A 248 24.17 23.74 -18.73
N LEU A 249 23.66 23.11 -17.68
CA LEU A 249 23.82 21.66 -17.59
C LEU A 249 23.00 20.99 -18.69
N GLU A 250 21.86 21.58 -19.05
CA GLU A 250 21.03 21.03 -20.13
C GLU A 250 21.77 21.16 -21.44
N ASP A 251 22.22 22.37 -21.73
CA ASP A 251 22.95 22.66 -22.96
C ASP A 251 24.18 21.78 -23.13
N ARG A 252 24.87 21.51 -22.02
CA ARG A 252 26.06 20.67 -22.08
C ARG A 252 25.69 19.25 -22.47
N ILE A 253 24.57 18.78 -21.95
CA ILE A 253 24.10 17.43 -22.27
C ILE A 253 23.79 17.35 -23.76
N VAL A 254 23.14 18.40 -24.28
CA VAL A 254 22.78 18.42 -25.68
C VAL A 254 24.08 18.47 -26.51
N LYS A 255 24.92 19.46 -26.19
CA LYS A 255 26.19 19.62 -26.89
C LYS A 255 26.96 18.29 -26.96
N GLU A 256 27.15 17.68 -25.80
CA GLU A 256 27.88 16.42 -25.70
C GLU A 256 27.22 15.27 -26.45
N THR A 257 25.90 15.17 -26.32
CA THR A 257 25.17 14.09 -27.00
C THR A 257 25.36 14.20 -28.50
N PHE A 258 25.19 15.41 -29.05
CA PHE A 258 25.34 15.62 -30.48
C PHE A 258 26.77 15.29 -30.93
N ARG A 259 27.75 15.67 -30.12
CA ARG A 259 29.15 15.42 -30.44
C ARG A 259 29.49 13.92 -30.41
N ASN A 260 29.09 13.24 -29.34
CA ASN A 260 29.40 11.82 -29.21
C ASN A 260 28.61 10.89 -30.12
N SER A 261 27.57 11.41 -30.78
CA SER A 261 26.78 10.57 -31.66
C SER A 261 27.53 10.22 -32.94
N LYS A 262 27.35 9.00 -33.42
CA LYS A 262 28.00 8.56 -34.66
C LYS A 262 27.03 8.69 -35.83
N LYS A 263 25.76 8.92 -35.54
CA LYS A 263 24.75 9.05 -36.58
C LYS A 263 24.27 10.48 -36.78
N LEU A 264 24.80 11.41 -35.99
CA LEU A 264 24.40 12.81 -36.10
C LEU A 264 25.57 13.72 -36.46
N ARG A 265 25.30 14.64 -37.38
CA ARG A 265 26.30 15.61 -37.80
C ARG A 265 25.85 16.93 -37.19
N ILE A 266 26.67 17.49 -36.30
CA ILE A 266 26.35 18.75 -35.65
C ILE A 266 26.25 19.88 -36.66
N LEU A 267 25.21 20.70 -36.53
CA LEU A 267 25.00 21.83 -37.43
C LEU A 267 25.35 23.14 -36.75
N THR A 268 25.44 23.11 -35.43
CA THR A 268 25.76 24.31 -34.66
C THR A 268 26.87 24.04 -33.65
N GLU A 269 28.12 24.35 -34.03
CA GLU A 269 29.24 24.15 -33.13
C GLU A 269 29.06 25.05 -31.92
N LYS A 270 28.63 26.28 -32.17
CA LYS A 270 28.37 27.22 -31.09
C LYS A 270 26.85 27.35 -30.96
N PRO A 271 26.34 27.45 -29.73
CA PRO A 271 24.90 27.58 -29.51
C PRO A 271 24.36 28.83 -30.17
N VAL A 272 23.23 28.71 -30.83
CA VAL A 272 22.63 29.87 -31.46
C VAL A 272 21.86 30.60 -30.35
N ARG A 273 22.13 31.89 -30.19
CA ARG A 273 21.47 32.65 -29.14
C ARG A 273 20.51 33.67 -29.74
N PRO A 274 19.53 34.12 -28.95
CA PRO A 274 18.55 35.11 -29.40
C PRO A 274 19.16 36.48 -29.63
N SER A 275 18.55 37.24 -30.54
CA SER A 275 19.02 38.60 -30.81
C SER A 275 18.37 39.46 -29.74
N GLU A 276 19.03 40.56 -29.37
CA GLU A 276 18.47 41.45 -28.36
C GLU A 276 17.01 41.74 -28.67
N GLU A 277 16.66 41.66 -29.96
CA GLU A 277 15.29 41.91 -30.39
C GLU A 277 14.42 40.66 -30.18
N GLU A 278 14.99 39.48 -30.40
CA GLU A 278 14.25 38.25 -30.19
C GLU A 278 13.90 38.17 -28.70
N ILE A 279 14.74 38.80 -27.89
CA ILE A 279 14.54 38.82 -26.45
C ILE A 279 13.30 39.63 -26.11
N ARG A 280 13.11 40.75 -26.81
CA ARG A 280 11.96 41.60 -26.58
C ARG A 280 10.68 40.88 -26.97
N GLU A 281 10.70 40.25 -28.14
CA GLU A 281 9.53 39.54 -28.64
C GLU A 281 9.15 38.39 -27.73
N ASN A 282 10.01 38.08 -26.76
CA ASN A 282 9.76 37.01 -25.79
C ASN A 282 10.91 36.93 -24.80
N PRO A 283 10.83 37.68 -23.70
CA PRO A 283 11.87 37.68 -22.67
C PRO A 283 12.26 36.28 -22.19
N ARG A 284 11.45 35.28 -22.53
CA ARG A 284 11.74 33.91 -22.14
C ARG A 284 12.91 33.40 -22.97
N ALA A 285 13.17 34.06 -24.09
CA ALA A 285 14.26 33.68 -24.99
C ALA A 285 15.62 33.88 -24.33
N ARG A 286 15.66 34.80 -23.37
CA ARG A 286 16.89 35.09 -22.63
C ARG A 286 17.29 33.81 -21.91
N SER A 287 18.57 33.43 -22.04
CA SER A 287 19.11 32.22 -21.42
C SER A 287 18.93 31.04 -22.38
N GLY A 288 18.27 31.30 -23.49
CA GLY A 288 18.03 30.26 -24.48
C GLY A 288 19.22 29.99 -25.37
N ARG A 289 19.53 28.70 -25.52
CA ARG A 289 20.63 28.26 -26.37
C ARG A 289 20.09 27.17 -27.30
N LEU A 290 20.09 27.44 -28.61
CA LEU A 290 19.60 26.48 -29.59
C LEU A 290 20.72 25.71 -30.28
N ARG A 291 20.56 24.39 -30.34
CA ARG A 291 21.52 23.50 -30.97
C ARG A 291 20.76 22.66 -31.99
N ALA A 292 21.44 22.26 -33.07
CA ALA A 292 20.80 21.47 -34.11
C ALA A 292 21.77 20.45 -34.69
N ALA A 293 21.23 19.33 -35.16
CA ALA A 293 22.03 18.26 -35.75
C ALA A 293 21.23 17.56 -36.85
N GLU A 294 21.93 16.91 -37.76
CA GLU A 294 21.28 16.20 -38.86
C GLU A 294 21.67 14.74 -38.88
N ARG A 295 20.70 13.88 -39.20
CA ARG A 295 20.92 12.45 -39.28
C ARG A 295 21.72 12.20 -40.55
N ILE A 296 22.83 11.48 -40.41
CA ILE A 296 23.67 11.18 -41.56
C ILE A 296 23.78 9.67 -41.74
N HIS B 10 -2.76 -12.64 27.11
CA HIS B 10 -3.95 -12.94 26.32
C HIS B 10 -4.78 -11.68 26.10
N ILE B 11 -5.50 -11.63 24.98
CA ILE B 11 -6.32 -10.48 24.65
C ILE B 11 -7.68 -10.90 24.08
N PRO B 12 -8.76 -10.28 24.57
CA PRO B 12 -10.12 -10.59 24.10
C PRO B 12 -10.22 -10.41 22.59
N VAL B 13 -11.02 -11.26 21.95
CA VAL B 13 -11.20 -11.20 20.50
C VAL B 13 -12.43 -10.38 20.18
N VAL B 15 -13.65 -7.63 21.11
CA VAL B 15 -14.41 -7.17 22.27
C VAL B 15 -15.21 -5.92 21.90
N ARG B 16 -14.82 -5.28 20.81
CA ARG B 16 -15.51 -4.08 20.35
C ARG B 16 -16.80 -4.47 19.64
N GLU B 17 -16.91 -5.75 19.28
CA GLU B 17 -18.09 -6.25 18.60
C GLU B 17 -18.93 -7.12 19.52
N VAL B 18 -18.31 -7.65 20.57
CA VAL B 18 -19.02 -8.50 21.52
C VAL B 18 -20.17 -7.71 22.14
N ILE B 19 -19.93 -6.45 22.45
CA ILE B 19 -20.95 -5.58 23.02
C ILE B 19 -21.93 -5.25 21.90
N GLU B 20 -21.39 -5.03 20.71
CA GLU B 20 -22.17 -4.71 19.52
C GLU B 20 -23.28 -5.73 19.33
N PHE B 21 -23.12 -6.89 19.98
CA PHE B 21 -24.10 -7.96 19.89
C PHE B 21 -24.81 -8.18 21.22
N LEU B 22 -24.09 -8.75 22.18
CA LEU B 22 -24.64 -9.02 23.50
C LEU B 22 -25.42 -7.85 24.06
N LYS B 23 -24.84 -6.66 24.01
CA LYS B 23 -25.47 -5.46 24.54
C LYS B 23 -25.72 -5.63 26.04
N PRO B 24 -24.64 -5.63 26.84
CA PRO B 24 -24.72 -5.80 28.30
C PRO B 24 -25.86 -5.00 28.93
N GLU B 25 -26.00 -3.75 28.51
CA GLU B 25 -27.06 -2.88 29.03
C GLU B 25 -27.13 -2.89 30.56
N ASP B 26 -28.27 -2.48 31.09
CA ASP B 26 -28.48 -2.43 32.53
C ASP B 26 -29.40 -3.54 33.03
N GLU B 27 -28.96 -4.25 34.06
CA GLU B 27 -29.73 -5.34 34.64
C GLU B 27 -29.91 -6.52 33.67
N LYS B 28 -28.91 -7.41 33.65
CA LYS B 28 -28.94 -8.58 32.78
C LYS B 28 -27.99 -9.66 33.31
N ILE B 29 -28.17 -10.90 32.86
CA ILE B 29 -27.32 -12.00 33.31
C ILE B 29 -26.48 -12.53 32.15
N ILE B 30 -25.16 -12.59 32.36
CA ILE B 30 -24.24 -13.08 31.33
C ILE B 30 -23.57 -14.39 31.74
N LEU B 31 -23.48 -15.31 30.79
CA LEU B 31 -22.85 -16.61 31.02
C LEU B 31 -21.61 -16.77 30.16
N ASP B 32 -20.43 -16.81 30.79
CA ASP B 32 -19.20 -16.98 30.06
C ASP B 32 -18.80 -18.45 30.11
N CYS B 33 -19.19 -19.18 29.07
CA CYS B 33 -18.92 -20.61 28.97
C CYS B 33 -17.43 -20.92 28.87
N THR B 34 -16.67 -19.94 28.38
CA THR B 34 -15.23 -20.11 28.22
C THR B 34 -14.48 -18.92 28.81
N VAL B 35 -14.54 -18.79 30.13
CA VAL B 35 -13.88 -17.70 30.83
C VAL B 35 -12.41 -17.57 30.43
N GLY B 36 -11.68 -18.67 30.52
CA GLY B 36 -10.27 -18.65 30.18
C GLY B 36 -9.52 -17.78 31.17
N GLU B 37 -8.88 -16.73 30.66
CA GLU B 37 -8.13 -15.83 31.53
C GLU B 37 -9.01 -14.71 32.06
N GLY B 38 -10.24 -14.63 31.54
CA GLY B 38 -11.18 -13.62 31.98
C GLY B 38 -11.13 -12.30 31.25
N GLY B 39 -10.58 -12.31 30.03
CA GLY B 39 -10.48 -11.09 29.27
C GLY B 39 -11.82 -10.48 28.86
N HIS B 40 -12.82 -11.33 28.65
CA HIS B 40 -14.14 -10.86 28.24
C HIS B 40 -14.96 -10.37 29.42
N SER B 41 -14.91 -11.09 30.53
CA SER B 41 -15.65 -10.71 31.71
C SER B 41 -15.11 -9.38 32.24
N ARG B 42 -13.89 -9.06 31.84
CA ARG B 42 -13.23 -7.82 32.25
C ARG B 42 -13.73 -6.63 31.45
N ALA B 43 -14.33 -6.92 30.29
CA ALA B 43 -14.86 -5.86 29.44
C ALA B 43 -16.36 -5.71 29.65
N ILE B 44 -17.02 -6.82 29.94
CA ILE B 44 -18.46 -6.80 30.18
C ILE B 44 -18.77 -6.08 31.47
N LEU B 45 -18.06 -6.41 32.54
CA LEU B 45 -18.27 -5.78 33.84
C LEU B 45 -17.96 -4.29 33.75
N GLU B 46 -16.92 -3.94 33.00
CA GLU B 46 -16.52 -2.56 32.82
C GLU B 46 -17.32 -1.91 31.70
N HIS B 47 -18.63 -2.16 31.73
CA HIS B 47 -19.54 -1.61 30.73
C HIS B 47 -20.95 -1.60 31.32
N CYS B 48 -21.23 -2.56 32.19
CA CYS B 48 -22.53 -2.65 32.83
C CYS B 48 -22.30 -2.68 34.34
N PRO B 49 -22.97 -1.78 35.07
CA PRO B 49 -22.80 -1.75 36.52
C PRO B 49 -23.58 -2.87 37.22
N GLY B 50 -24.73 -3.23 36.64
CA GLY B 50 -25.56 -4.26 37.23
C GLY B 50 -25.46 -5.67 36.68
N CYS B 51 -25.61 -5.82 35.36
CA CYS B 51 -25.57 -7.15 34.74
C CYS B 51 -24.43 -8.00 35.32
N ARG B 52 -24.80 -9.17 35.84
CA ARG B 52 -23.84 -10.09 36.44
C ARG B 52 -23.23 -11.03 35.39
N ILE B 53 -22.24 -11.81 35.81
CA ILE B 53 -21.56 -12.75 34.91
C ILE B 53 -21.23 -14.07 35.60
N ILE B 54 -21.70 -15.16 35.01
CA ILE B 54 -21.43 -16.50 35.54
C ILE B 54 -20.46 -17.15 34.55
N GLY B 55 -19.22 -17.34 34.96
CA GLY B 55 -18.24 -17.95 34.07
C GLY B 55 -17.66 -19.27 34.52
N ILE B 56 -17.45 -20.17 33.56
CA ILE B 56 -16.89 -21.49 33.87
C ILE B 56 -15.81 -21.92 32.89
N ASP B 57 -15.09 -22.99 33.25
CA ASP B 57 -14.02 -23.52 32.41
C ASP B 57 -13.57 -24.84 33.01
N VAL B 58 -12.91 -25.66 32.20
CA VAL B 58 -12.44 -26.96 32.66
C VAL B 58 -10.97 -26.91 33.08
N ASP B 59 -10.29 -25.84 32.70
CA ASP B 59 -8.88 -25.68 33.05
C ASP B 59 -8.73 -24.81 34.29
N SER B 60 -8.40 -25.46 35.39
CA SER B 60 -8.24 -24.79 36.68
C SER B 60 -7.11 -23.76 36.69
N GLU B 61 -6.08 -23.97 35.88
CA GLU B 61 -4.96 -23.04 35.85
C GLU B 61 -5.32 -21.67 35.30
N VAL B 62 -6.16 -21.63 34.27
CA VAL B 62 -6.56 -20.35 33.70
C VAL B 62 -7.63 -19.65 34.54
N LEU B 63 -8.41 -20.44 35.29
CA LEU B 63 -9.44 -19.87 36.13
C LEU B 63 -8.80 -18.98 37.19
N ARG B 64 -7.77 -19.51 37.86
CA ARG B 64 -7.06 -18.75 38.88
C ARG B 64 -6.56 -17.44 38.30
N ILE B 65 -6.26 -17.43 37.01
CA ILE B 65 -5.79 -16.22 36.35
C ILE B 65 -6.97 -15.29 36.15
N ALA B 66 -8.14 -15.88 35.93
CA ALA B 66 -9.36 -15.11 35.74
C ALA B 66 -9.86 -14.66 37.11
N GLU B 67 -9.31 -15.26 38.15
CA GLU B 67 -9.69 -14.94 39.52
C GLU B 67 -8.87 -13.76 40.04
N GLU B 68 -7.68 -13.59 39.48
CA GLU B 68 -6.78 -12.51 39.87
C GLU B 68 -7.11 -11.23 39.10
N LYS B 69 -7.79 -11.37 37.97
CA LYS B 69 -8.15 -10.22 37.15
C LYS B 69 -9.64 -9.88 37.24
N LEU B 70 -10.34 -10.56 38.14
CA LEU B 70 -11.77 -10.34 38.34
C LEU B 70 -12.11 -10.19 39.81
N LYS B 71 -11.09 -10.03 40.64
CA LYS B 71 -11.29 -9.87 42.08
C LYS B 71 -11.81 -8.48 42.43
N GLU B 72 -11.67 -7.54 41.51
CA GLU B 72 -12.13 -6.18 41.73
C GLU B 72 -13.65 -6.06 41.58
N PHE B 73 -14.20 -6.82 40.65
CA PHE B 73 -15.64 -6.81 40.43
C PHE B 73 -16.25 -8.14 40.84
N SER B 74 -15.71 -8.70 41.92
CA SER B 74 -16.12 -9.98 42.48
C SER B 74 -17.63 -10.15 42.66
N ASP B 75 -18.20 -9.36 43.56
CA ASP B 75 -19.62 -9.45 43.87
C ASP B 75 -20.58 -9.38 42.68
N ARG B 76 -20.04 -9.31 41.46
CA ARG B 76 -20.90 -9.26 40.28
C ARG B 76 -20.50 -10.32 39.25
N VAL B 77 -19.76 -11.33 39.70
CA VAL B 77 -19.31 -12.41 38.83
C VAL B 77 -18.81 -13.61 39.63
N SER B 78 -19.22 -14.81 39.22
CA SER B 78 -18.82 -16.04 39.91
C SER B 78 -18.27 -17.09 38.94
N LEU B 79 -17.07 -17.59 39.23
CA LEU B 79 -16.40 -18.57 38.39
C LEU B 79 -16.46 -20.01 38.93
N PHE B 80 -16.69 -20.97 38.03
CA PHE B 80 -16.75 -22.38 38.40
C PHE B 80 -15.98 -23.24 37.40
N LYS B 81 -15.48 -24.37 37.89
CA LYS B 81 -14.71 -25.29 37.04
C LYS B 81 -15.61 -26.43 36.58
N VAL B 82 -16.35 -26.18 35.50
CA VAL B 82 -17.26 -27.17 34.95
C VAL B 82 -17.41 -26.99 33.43
N SER B 83 -17.65 -28.08 32.73
CA SER B 83 -17.83 -28.04 31.28
C SER B 83 -19.13 -27.33 30.96
N TYR B 84 -19.13 -26.48 29.93
CA TYR B 84 -20.34 -25.74 29.58
C TYR B 84 -21.48 -26.66 29.16
N ARG B 85 -21.24 -27.97 29.26
CA ARG B 85 -22.26 -28.96 28.93
C ARG B 85 -23.15 -29.17 30.15
N GLU B 86 -22.53 -29.08 31.33
CA GLU B 86 -23.25 -29.24 32.59
C GLU B 86 -23.70 -27.88 33.08
N ALA B 87 -23.67 -26.89 32.18
CA ALA B 87 -24.05 -25.53 32.51
C ALA B 87 -25.47 -25.47 33.08
N ASP B 88 -26.44 -25.96 32.31
CA ASP B 88 -27.84 -25.97 32.74
C ASP B 88 -27.99 -26.53 34.14
N PHE B 89 -27.26 -27.60 34.43
CA PHE B 89 -27.33 -28.24 35.74
C PHE B 89 -26.74 -27.31 36.80
N LEU B 90 -25.70 -26.56 36.41
CA LEU B 90 -25.05 -25.62 37.31
C LEU B 90 -25.91 -24.39 37.51
N LEU B 91 -26.48 -23.89 36.41
CA LEU B 91 -27.32 -22.71 36.44
C LEU B 91 -28.50 -22.94 37.39
N LYS B 92 -29.09 -24.13 37.34
CA LYS B 92 -30.20 -24.48 38.19
C LYS B 92 -29.78 -24.56 39.65
N THR B 93 -28.72 -25.33 39.91
CA THR B 93 -28.21 -25.49 41.27
C THR B 93 -27.81 -24.14 41.85
N LEU B 94 -27.15 -23.32 41.02
CA LEU B 94 -26.72 -22.00 41.44
C LEU B 94 -27.96 -21.22 41.89
N GLY B 95 -29.10 -21.62 41.35
CA GLY B 95 -30.35 -20.95 41.70
C GLY B 95 -31.03 -20.38 40.48
N ILE B 96 -30.23 -19.86 39.56
CA ILE B 96 -30.75 -19.26 38.33
C ILE B 96 -31.54 -20.28 37.53
N GLU B 97 -32.50 -19.80 36.74
CA GLU B 97 -33.33 -20.68 35.92
C GLU B 97 -33.19 -20.35 34.44
N LYS B 98 -32.54 -19.21 34.16
CA LYS B 98 -32.33 -18.75 32.79
C LYS B 98 -31.51 -17.46 32.80
N VAL B 99 -30.77 -17.22 31.72
CA VAL B 99 -29.96 -16.01 31.62
C VAL B 99 -30.34 -15.13 30.45
N ASP B 100 -29.67 -14.00 30.31
CA ASP B 100 -29.97 -13.06 29.25
C ASP B 100 -28.87 -13.00 28.19
N GLY B 101 -27.87 -13.84 28.34
CA GLY B 101 -26.78 -13.87 27.38
C GLY B 101 -25.79 -14.99 27.62
N ILE B 102 -25.18 -15.48 26.54
CA ILE B 102 -24.20 -16.56 26.62
C ILE B 102 -23.03 -16.27 25.69
N LEU B 103 -21.82 -16.35 26.24
CA LEU B 103 -20.62 -16.08 25.46
C LEU B 103 -19.71 -17.30 25.33
N ASP B 105 -15.97 -18.50 23.60
CA ASP B 105 -14.72 -18.17 22.94
C ASP B 105 -14.00 -19.50 22.68
N LEU B 106 -14.37 -20.14 21.58
CA LEU B 106 -13.80 -21.42 21.21
C LEU B 106 -12.33 -21.30 20.80
N GLY B 107 -11.51 -22.25 21.26
CA GLY B 107 -10.10 -22.22 20.90
C GLY B 107 -9.18 -22.48 22.08
N VAL B 108 -7.91 -22.09 21.92
CA VAL B 108 -6.91 -22.28 22.96
C VAL B 108 -6.42 -20.92 23.45
N SER B 109 -6.26 -20.78 24.76
CA SER B 109 -5.79 -19.52 25.32
C SER B 109 -4.29 -19.40 25.13
N THR B 110 -3.80 -18.17 25.12
CA THR B 110 -2.38 -17.92 24.95
C THR B 110 -1.57 -18.53 26.09
N TYR B 111 -2.10 -18.46 27.31
CA TYR B 111 -1.40 -19.01 28.47
C TYR B 111 -1.29 -20.53 28.37
N GLN B 112 -2.36 -21.20 27.98
CA GLN B 112 -2.35 -22.65 27.84
C GLN B 112 -1.36 -22.98 26.72
N LEU B 113 -1.37 -22.13 25.69
CA LEU B 113 -0.51 -22.27 24.52
C LEU B 113 0.98 -22.07 24.83
N LYS B 114 1.31 -21.02 25.56
CA LYS B 114 2.72 -20.72 25.85
C LYS B 114 3.21 -20.98 27.27
N GLY B 115 2.32 -21.17 28.24
CA GLY B 115 2.78 -21.37 29.59
C GLY B 115 2.46 -22.65 30.36
N GLU B 116 1.54 -23.47 29.86
CA GLU B 116 1.19 -24.69 30.60
C GLU B 116 2.09 -25.90 30.35
N ASN B 117 2.90 -25.83 29.31
CA ASN B 117 3.79 -26.95 28.98
C ASN B 117 2.99 -28.23 28.72
N ARG B 118 1.84 -28.08 28.07
CA ARG B 118 1.00 -29.24 27.75
C ARG B 118 1.11 -29.72 26.30
N GLY B 119 2.05 -29.13 25.56
CA GLY B 119 2.23 -29.54 24.19
C GLY B 119 1.14 -29.15 23.22
N PHE B 120 0.45 -28.05 23.47
CA PHE B 120 -0.56 -27.57 22.55
C PHE B 120 0.13 -27.03 21.29
N THR B 121 1.34 -26.49 21.48
CA THR B 121 2.11 -25.89 20.38
C THR B 121 3.28 -26.74 19.91
N PHE B 122 3.72 -26.46 18.69
CA PHE B 122 4.85 -27.16 18.08
C PHE B 122 6.12 -26.29 18.09
N GLU B 123 6.06 -25.13 18.74
CA GLU B 123 7.20 -24.21 18.83
C GLU B 123 8.39 -24.79 19.58
N ARG B 124 8.11 -25.55 20.63
CA ARG B 124 9.18 -26.15 21.40
C ARG B 124 8.84 -27.53 21.94
N GLU B 125 9.85 -28.23 22.44
CA GLU B 125 9.68 -29.57 22.96
C GLU B 125 8.89 -29.58 24.26
N GLU B 126 7.73 -30.21 24.23
CA GLU B 126 6.86 -30.32 25.40
C GLU B 126 6.16 -31.69 25.35
N PRO B 127 5.67 -32.17 26.49
CA PRO B 127 4.99 -33.48 26.47
C PRO B 127 3.70 -33.45 25.64
N LEU B 128 3.34 -34.60 25.06
CA LEU B 128 2.10 -34.68 24.28
C LEU B 128 0.92 -34.87 25.24
N ASP B 129 0.42 -33.77 25.78
CA ASP B 129 -0.69 -33.80 26.72
C ASP B 129 -1.95 -33.27 26.05
N ARG B 131 -4.40 -31.76 27.14
CA ARG B 131 -5.63 -31.78 27.93
C ARG B 131 -5.92 -30.38 28.45
N ASP B 133 -8.48 -30.08 30.39
CA ASP B 133 -8.98 -30.49 31.70
C ASP B 133 -8.03 -31.54 32.26
N LEU B 134 -7.20 -31.13 33.21
CA LEU B 134 -6.21 -32.02 33.82
C LEU B 134 -6.84 -33.23 34.53
N GLU B 135 -8.16 -33.17 34.76
CA GLU B 135 -8.85 -34.27 35.42
C GLU B 135 -9.03 -35.42 34.44
N SER B 136 -9.05 -35.11 33.15
CA SER B 136 -9.23 -36.13 32.12
C SER B 136 -8.03 -37.04 32.05
N GLU B 137 -8.28 -38.29 31.68
CA GLU B 137 -7.21 -39.27 31.56
C GLU B 137 -6.77 -39.43 30.11
N VAL B 138 -7.53 -38.83 29.20
CA VAL B 138 -7.22 -38.93 27.77
C VAL B 138 -6.23 -37.86 27.33
N THR B 139 -5.03 -38.30 26.94
CA THR B 139 -3.99 -37.37 26.48
C THR B 139 -3.65 -37.58 25.01
N ALA B 140 -3.02 -36.58 24.41
CA ALA B 140 -2.62 -36.68 23.01
C ALA B 140 -1.70 -37.88 22.88
N GLN B 141 -0.81 -38.08 23.85
CA GLN B 141 0.13 -39.20 23.79
C GLN B 141 -0.55 -40.55 23.67
N LYS B 142 -1.58 -40.77 24.50
CA LYS B 142 -2.30 -42.04 24.46
C LYS B 142 -3.01 -42.24 23.14
N VAL B 143 -3.69 -41.20 22.66
CA VAL B 143 -4.38 -41.28 21.38
C VAL B 143 -3.40 -41.55 20.25
N LEU B 144 -2.27 -40.83 20.24
CA LEU B 144 -1.29 -41.02 19.17
C LEU B 144 -0.59 -42.38 19.22
N ASN B 145 -0.46 -42.95 20.41
CA ASN B 145 0.20 -44.24 20.51
C ASN B 145 -0.72 -45.44 20.49
N GLU B 146 -2.01 -45.21 20.71
CA GLU B 146 -2.99 -46.29 20.77
C GLU B 146 -4.03 -46.41 19.65
N LEU B 147 -4.45 -45.29 19.09
CA LEU B 147 -5.48 -45.34 18.06
C LEU B 147 -4.97 -45.92 16.75
N PRO B 148 -5.73 -46.86 16.16
CA PRO B 148 -5.31 -47.48 14.91
C PRO B 148 -5.24 -46.44 13.80
N GLU B 149 -4.40 -46.72 12.83
CA GLU B 149 -4.17 -45.87 11.66
C GLU B 149 -5.44 -45.30 11.01
N GLU B 150 -6.38 -46.16 10.69
CA GLU B 150 -7.61 -45.70 10.04
C GLU B 150 -8.39 -44.68 10.85
N GLU B 151 -8.54 -44.93 12.15
CA GLU B 151 -9.29 -44.01 12.99
C GLU B 151 -8.52 -42.70 13.18
N LEU B 152 -7.20 -42.80 13.26
CA LEU B 152 -6.35 -41.63 13.40
C LEU B 152 -6.48 -40.77 12.13
N ALA B 153 -6.47 -41.41 10.97
CA ALA B 153 -6.61 -40.66 9.71
C ALA B 153 -7.94 -39.92 9.64
N ARG B 154 -9.02 -40.54 10.10
CA ARG B 154 -10.31 -39.89 10.03
C ARG B 154 -10.32 -38.64 10.92
N ILE B 155 -9.66 -38.73 12.06
CA ILE B 155 -9.59 -37.57 12.95
C ILE B 155 -8.83 -36.45 12.26
N ILE B 156 -7.69 -36.78 11.65
CA ILE B 156 -6.87 -35.78 10.96
C ILE B 156 -7.59 -35.18 9.75
N PHE B 157 -8.34 -36.02 9.02
CA PHE B 157 -9.13 -35.58 7.88
C PHE B 157 -10.30 -34.68 8.31
N GLU B 158 -11.02 -35.09 9.36
CA GLU B 158 -12.20 -34.35 9.81
C GLU B 158 -11.94 -33.09 10.65
N TYR B 159 -11.10 -33.23 11.67
CA TYR B 159 -10.80 -32.12 12.59
C TYR B 159 -9.59 -31.29 12.21
N GLY B 160 -8.70 -31.85 11.41
CA GLY B 160 -7.51 -31.11 11.01
C GLY B 160 -7.73 -30.58 9.60
N GLU B 161 -8.64 -31.23 8.89
CA GLU B 161 -8.94 -30.87 7.53
C GLU B 161 -7.73 -31.03 6.63
N GLU B 162 -7.00 -32.12 6.84
CA GLU B 162 -5.88 -32.49 5.98
C GLU B 162 -6.62 -33.39 5.00
N LYS B 163 -7.24 -32.79 3.99
CA LYS B 163 -8.03 -33.57 3.05
C LYS B 163 -7.29 -34.43 2.03
N ARG B 164 -5.98 -34.22 1.91
CA ARG B 164 -5.21 -34.98 0.96
C ARG B 164 -4.19 -35.92 1.59
N PHE B 165 -3.61 -35.51 2.70
CA PHE B 165 -2.55 -36.29 3.31
C PHE B 165 -2.85 -36.95 4.65
N ALA B 166 -4.11 -36.95 5.07
CA ALA B 166 -4.45 -37.54 6.38
C ALA B 166 -3.98 -38.97 6.56
N ARG B 167 -4.18 -39.82 5.55
CA ARG B 167 -3.76 -41.20 5.65
C ARG B 167 -2.24 -41.33 5.78
N ARG B 168 -1.49 -40.55 5.01
CA ARG B 168 -0.03 -40.60 5.10
C ARG B 168 0.48 -40.14 6.46
N ILE B 169 -0.15 -39.10 7.01
CA ILE B 169 0.26 -38.59 8.31
C ILE B 169 -0.02 -39.66 9.38
N ALA B 170 -1.21 -40.24 9.35
CA ALA B 170 -1.57 -41.27 10.32
C ALA B 170 -0.55 -42.43 10.27
N ARG B 171 -0.19 -42.83 9.05
CA ARG B 171 0.76 -43.90 8.87
C ARG B 171 2.13 -43.59 9.46
N LYS B 172 2.62 -42.37 9.25
CA LYS B 172 3.91 -41.99 9.80
C LYS B 172 3.84 -41.92 11.33
N ILE B 173 2.70 -41.50 11.85
CA ILE B 173 2.56 -41.44 13.31
C ILE B 173 2.73 -42.86 13.84
N VAL B 174 2.01 -43.80 13.26
CA VAL B 174 2.11 -45.20 13.69
C VAL B 174 3.55 -45.74 13.58
N GLU B 175 4.19 -45.45 12.46
CA GLU B 175 5.57 -45.91 12.23
C GLU B 175 6.58 -45.31 13.20
N ASN B 176 6.25 -44.16 13.78
CA ASN B 176 7.15 -43.47 14.71
C ASN B 176 6.86 -43.73 16.19
N ARG B 177 5.97 -44.69 16.48
CA ARG B 177 5.65 -45.00 17.87
C ARG B 177 6.85 -45.61 18.59
N PRO B 178 7.00 -45.30 19.90
CA PRO B 178 6.10 -44.41 20.64
C PRO B 178 6.44 -42.93 20.50
N LEU B 179 5.41 -42.08 20.44
CA LEU B 179 5.62 -40.63 20.38
C LEU B 179 5.56 -40.17 21.83
N ASN B 180 6.46 -39.25 22.17
CA ASN B 180 6.51 -38.73 23.53
C ASN B 180 6.42 -37.23 23.62
N THR B 181 6.98 -36.53 22.65
CA THR B 181 6.97 -35.07 22.69
C THR B 181 6.39 -34.44 21.44
N THR B 182 6.15 -33.14 21.54
CA THR B 182 5.63 -32.35 20.44
C THR B 182 6.54 -32.50 19.22
N LEU B 183 7.84 -32.57 19.45
CA LEU B 183 8.80 -32.71 18.36
C LEU B 183 8.67 -34.04 17.62
N ASP B 184 8.25 -35.08 18.33
CA ASP B 184 8.08 -36.40 17.70
C ASP B 184 6.89 -36.33 16.73
N LEU B 185 5.86 -35.57 17.10
CA LEU B 185 4.67 -35.44 16.25
C LEU B 185 5.03 -34.58 15.04
N VAL B 186 5.78 -33.50 15.24
CA VAL B 186 6.18 -32.65 14.12
C VAL B 186 6.96 -33.51 13.12
N LYS B 187 7.87 -34.33 13.64
CA LYS B 187 8.69 -35.22 12.81
C LYS B 187 7.83 -36.18 12.00
N ALA B 188 6.80 -36.74 12.61
CA ALA B 188 5.94 -37.67 11.88
C ALA B 188 5.23 -36.95 10.72
N VAL B 189 4.70 -35.76 11.00
CA VAL B 189 4.00 -35.01 9.97
C VAL B 189 4.97 -34.63 8.86
N ARG B 190 6.17 -34.19 9.24
CA ARG B 190 7.18 -33.79 8.26
C ARG B 190 7.55 -34.96 7.36
N GLU B 191 7.66 -36.16 7.92
CA GLU B 191 8.00 -37.32 7.10
C GLU B 191 6.86 -37.73 6.19
N ALA B 192 5.63 -37.41 6.59
CA ALA B 192 4.47 -37.78 5.78
C ALA B 192 4.19 -36.86 4.59
N LEU B 193 4.50 -35.58 4.72
CA LEU B 193 4.21 -34.64 3.65
C LEU B 193 5.28 -34.53 2.57
N PRO B 194 4.87 -34.31 1.31
CA PRO B 194 5.83 -34.17 0.19
C PRO B 194 6.67 -32.91 0.47
N SER B 195 7.87 -32.85 -0.10
CA SER B 195 8.76 -31.72 0.15
C SER B 195 8.23 -30.33 -0.19
N TYR B 196 7.71 -30.16 -1.40
CA TYR B 196 7.19 -28.84 -1.75
C TYR B 196 5.96 -28.51 -0.90
N GLU B 197 5.11 -29.49 -0.67
CA GLU B 197 3.91 -29.29 0.13
C GLU B 197 4.22 -28.60 1.48
N ILE B 198 5.32 -29.01 2.10
CA ILE B 198 5.74 -28.44 3.38
C ILE B 198 6.06 -26.95 3.22
N ARG B 199 6.80 -26.61 2.18
CA ARG B 199 7.17 -25.21 1.97
C ARG B 199 6.06 -24.31 1.41
N ARG B 200 5.10 -24.94 0.74
CA ARG B 200 3.96 -24.24 0.12
C ARG B 200 3.02 -23.62 1.15
N ARG B 201 2.87 -24.30 2.29
CA ARG B 201 1.93 -23.85 3.30
C ARG B 201 2.22 -22.53 3.98
N LYS B 202 1.17 -21.73 4.15
CA LYS B 202 1.27 -20.42 4.78
C LYS B 202 1.52 -20.58 6.28
N ARG B 203 0.78 -21.49 6.92
CA ARG B 203 0.97 -21.76 8.35
C ARG B 203 1.90 -22.96 8.49
N HIS B 204 2.59 -23.06 9.62
CA HIS B 204 3.51 -24.16 9.88
C HIS B 204 2.79 -25.46 9.50
N PHE B 205 3.45 -26.30 8.70
CA PHE B 205 2.86 -27.55 8.21
C PHE B 205 2.27 -28.49 9.26
N ALA B 206 2.70 -28.38 10.52
CA ALA B 206 2.18 -29.28 11.56
C ALA B 206 0.91 -28.75 12.23
N THR B 207 0.54 -27.51 11.91
CA THR B 207 -0.61 -26.87 12.52
C THR B 207 -1.91 -27.69 12.55
N LYS B 208 -2.37 -28.16 11.39
CA LYS B 208 -3.62 -28.91 11.30
C LYS B 208 -3.62 -30.23 12.06
N THR B 209 -2.50 -30.96 12.01
CA THR B 209 -2.45 -32.23 12.74
C THR B 209 -2.54 -31.97 14.25
N PHE B 210 -1.84 -30.95 14.74
CA PHE B 210 -1.91 -30.64 16.17
C PHE B 210 -3.34 -30.26 16.56
N GLN B 211 -3.99 -29.48 15.69
CA GLN B 211 -5.36 -29.04 15.93
C GLN B 211 -6.32 -30.23 15.99
N ALA B 212 -6.16 -31.16 15.05
CA ALA B 212 -7.02 -32.34 14.99
C ALA B 212 -6.95 -33.17 16.28
N ILE B 213 -5.74 -33.43 16.76
CA ILE B 213 -5.58 -34.22 17.98
C ILE B 213 -6.14 -33.47 19.18
N ARG B 214 -5.88 -32.17 19.23
CA ARG B 214 -6.37 -31.36 20.35
C ARG B 214 -7.91 -31.41 20.44
N ILE B 215 -8.56 -31.14 19.32
CA ILE B 215 -10.02 -31.14 19.22
C ILE B 215 -10.62 -32.48 19.64
N TYR B 216 -9.99 -33.56 19.19
CA TYR B 216 -10.46 -34.90 19.53
C TYR B 216 -10.24 -35.17 21.03
N VAL B 217 -9.05 -34.86 21.52
CA VAL B 217 -8.71 -35.09 22.91
C VAL B 217 -9.66 -34.39 23.90
N ASN B 218 -10.10 -33.18 23.53
CA ASN B 218 -10.97 -32.38 24.37
C ASN B 218 -12.43 -32.40 23.93
N ARG B 219 -12.72 -33.25 22.94
CA ARG B 219 -14.07 -33.39 22.39
C ARG B 219 -14.72 -32.04 22.16
N GLU B 220 -13.96 -31.13 21.57
CA GLU B 220 -14.43 -29.78 21.30
C GLU B 220 -15.63 -29.65 20.37
N LEU B 221 -15.61 -30.42 19.28
CA LEU B 221 -16.71 -30.38 18.32
C LEU B 221 -17.96 -31.03 18.87
N GLU B 222 -17.78 -32.14 19.59
CA GLU B 222 -18.91 -32.84 20.19
C GLU B 222 -19.57 -31.90 21.20
N ASN B 223 -18.77 -31.35 22.11
CA ASN B 223 -19.29 -30.43 23.11
C ASN B 223 -20.03 -29.27 22.45
N LEU B 224 -19.37 -28.59 21.54
CA LEU B 224 -19.97 -27.45 20.85
C LEU B 224 -21.35 -27.80 20.28
N LYS B 225 -21.46 -28.97 19.68
CA LYS B 225 -22.73 -29.40 19.09
C LYS B 225 -23.79 -29.67 20.16
N GLU B 226 -23.46 -30.52 21.12
CA GLU B 226 -24.39 -30.87 22.18
C GLU B 226 -24.91 -29.65 22.93
N PHE B 227 -24.03 -28.70 23.21
CA PHE B 227 -24.42 -27.49 23.93
C PHE B 227 -25.43 -26.66 23.16
N LEU B 228 -25.05 -26.21 21.97
CA LEU B 228 -25.92 -25.39 21.14
C LEU B 228 -27.31 -26.00 20.96
N LYS B 229 -27.43 -27.30 21.23
CA LYS B 229 -28.71 -27.99 21.10
C LYS B 229 -29.72 -27.42 22.08
N LYS B 230 -29.40 -27.52 23.36
CA LYS B 230 -30.28 -27.04 24.43
C LYS B 230 -29.97 -25.61 24.85
N ALA B 231 -28.86 -25.07 24.37
CA ALA B 231 -28.45 -23.71 24.71
C ALA B 231 -29.58 -22.68 24.74
N GLU B 232 -30.48 -22.75 23.76
CA GLU B 232 -31.59 -21.81 23.69
C GLU B 232 -32.53 -21.86 24.90
N ASP B 233 -32.61 -23.02 25.55
CA ASP B 233 -33.47 -23.19 26.71
C ASP B 233 -32.88 -22.52 27.96
N LEU B 234 -31.91 -21.64 27.75
CA LEU B 234 -31.27 -20.96 28.87
C LEU B 234 -31.26 -19.44 28.69
N LEU B 235 -31.92 -18.96 27.63
CA LEU B 235 -31.98 -17.53 27.37
C LEU B 235 -33.39 -16.98 27.54
N ASN B 236 -33.51 -15.87 28.27
CA ASN B 236 -34.80 -15.25 28.50
C ASN B 236 -35.24 -14.54 27.22
N PRO B 237 -36.54 -14.20 27.12
CA PRO B 237 -37.08 -13.53 25.93
C PRO B 237 -36.30 -12.26 25.58
N GLY B 238 -35.46 -12.36 24.55
CA GLY B 238 -34.67 -11.21 24.14
C GLY B 238 -33.18 -11.41 24.36
N GLY B 239 -32.84 -12.45 25.11
CA GLY B 239 -31.44 -12.74 25.39
C GLY B 239 -30.66 -13.00 24.11
N ARG B 240 -29.36 -12.72 24.14
CA ARG B 240 -28.50 -12.93 22.99
C ARG B 240 -27.28 -13.77 23.31
N ILE B 241 -26.99 -14.75 22.44
CA ILE B 241 -25.84 -15.63 22.62
C ILE B 241 -24.81 -15.32 21.54
N VAL B 242 -23.56 -15.16 21.94
CA VAL B 242 -22.48 -14.86 21.00
C VAL B 242 -21.35 -15.90 21.07
N VAL B 243 -20.92 -16.37 19.90
CA VAL B 243 -19.85 -17.36 19.83
C VAL B 243 -18.74 -16.95 18.85
N ILE B 244 -17.50 -17.09 19.29
CA ILE B 244 -16.34 -16.75 18.47
C ILE B 244 -15.56 -18.03 18.16
N SER B 245 -15.31 -18.27 16.89
CA SER B 245 -14.58 -19.47 16.47
C SER B 245 -13.38 -19.12 15.57
N PHE B 246 -12.41 -20.03 15.52
CA PHE B 246 -11.21 -19.87 14.71
C PHE B 246 -10.98 -21.10 13.86
N HIS B 247 -12.06 -21.83 13.59
CA HIS B 247 -11.99 -23.05 12.81
C HIS B 247 -13.18 -23.06 11.85
N SER B 248 -12.93 -23.39 10.59
CA SER B 248 -14.00 -23.42 9.59
C SER B 248 -15.12 -24.38 10.01
N LEU B 249 -14.75 -25.59 10.42
CA LEU B 249 -15.74 -26.59 10.81
C LEU B 249 -16.58 -26.11 11.99
N GLU B 250 -15.97 -25.39 12.92
CA GLU B 250 -16.70 -24.89 14.09
C GLU B 250 -17.66 -23.79 13.66
N ASP B 251 -17.16 -22.86 12.84
CA ASP B 251 -17.97 -21.74 12.37
C ASP B 251 -19.24 -22.27 11.70
N ARG B 252 -19.07 -23.22 10.78
CA ARG B 252 -20.22 -23.79 10.08
C ARG B 252 -21.24 -24.39 11.05
N ILE B 253 -20.75 -25.02 12.11
CA ILE B 253 -21.65 -25.62 13.10
C ILE B 253 -22.52 -24.56 13.75
N VAL B 254 -21.88 -23.49 14.24
CA VAL B 254 -22.60 -22.41 14.89
C VAL B 254 -23.54 -21.76 13.87
N LYS B 255 -23.02 -21.56 12.66
CA LYS B 255 -23.78 -20.97 11.56
C LYS B 255 -25.07 -21.73 11.32
N GLU B 256 -24.95 -23.03 11.08
CA GLU B 256 -26.09 -23.89 10.82
C GLU B 256 -26.93 -24.17 12.07
N THR B 257 -26.37 -23.92 13.25
CA THR B 257 -27.12 -24.15 14.49
C THR B 257 -28.23 -23.13 14.63
N PHE B 258 -27.87 -21.85 14.51
CA PHE B 258 -28.85 -20.77 14.62
C PHE B 258 -29.72 -20.74 13.37
N ARG B 259 -29.09 -21.00 12.22
CA ARG B 259 -29.78 -20.99 10.94
C ARG B 259 -30.91 -22.01 10.91
N ASN B 260 -30.84 -23.02 11.78
CA ASN B 260 -31.87 -24.06 11.83
C ASN B 260 -32.68 -24.00 13.13
N SER B 261 -32.35 -23.03 13.98
CA SER B 261 -33.06 -22.88 15.24
C SER B 261 -34.33 -22.07 15.05
N LYS B 262 -35.36 -22.41 15.83
CA LYS B 262 -36.64 -21.71 15.74
C LYS B 262 -36.81 -20.70 16.86
N LYS B 263 -36.19 -20.98 18.01
CA LYS B 263 -36.28 -20.09 19.16
C LYS B 263 -35.12 -19.10 19.16
N LEU B 264 -34.22 -19.24 18.20
CA LEU B 264 -33.07 -18.37 18.09
C LEU B 264 -33.11 -17.58 16.78
N ARG B 265 -33.10 -16.25 16.90
CA ARG B 265 -33.13 -15.39 15.73
C ARG B 265 -31.71 -15.01 15.33
N ILE B 266 -31.32 -15.41 14.12
CA ILE B 266 -29.98 -15.11 13.62
C ILE B 266 -29.74 -13.61 13.62
N LEU B 267 -28.52 -13.20 13.95
CA LEU B 267 -28.17 -11.79 13.99
C LEU B 267 -27.05 -11.48 13.00
N THR B 268 -26.69 -12.47 12.19
CA THR B 268 -25.63 -12.31 11.20
C THR B 268 -25.51 -13.52 10.29
N GLU B 269 -25.79 -13.31 9.00
CA GLU B 269 -25.69 -14.40 8.02
C GLU B 269 -24.24 -14.57 7.55
N LYS B 270 -23.44 -13.52 7.74
CA LYS B 270 -22.04 -13.56 7.34
C LYS B 270 -21.10 -13.49 8.53
N PRO B 271 -20.07 -14.36 8.54
CA PRO B 271 -19.10 -14.38 9.64
C PRO B 271 -18.53 -12.98 9.89
N VAL B 272 -18.59 -12.53 11.13
CA VAL B 272 -18.09 -11.21 11.49
C VAL B 272 -16.61 -11.27 11.85
N ARG B 273 -15.76 -10.78 10.95
CA ARG B 273 -14.32 -10.77 11.20
C ARG B 273 -13.88 -9.48 11.86
N PRO B 274 -12.57 -9.34 12.11
CA PRO B 274 -12.04 -8.14 12.74
C PRO B 274 -11.15 -7.34 11.78
N SER B 275 -10.17 -6.64 12.34
CA SER B 275 -9.24 -5.83 11.54
C SER B 275 -7.80 -6.11 11.95
N PRO B 283 -2.36 -8.91 16.58
CA PRO B 283 -2.18 -10.17 15.85
C PRO B 283 -2.75 -11.36 16.61
N ARG B 284 -3.09 -11.13 17.88
CA ARG B 284 -3.64 -12.15 18.75
C ARG B 284 -4.67 -13.01 18.02
N ALA B 285 -5.82 -12.42 17.72
CA ALA B 285 -6.89 -13.13 17.02
C ALA B 285 -6.87 -12.77 15.55
N ARG B 286 -6.76 -13.77 14.70
CA ARG B 286 -6.72 -13.55 13.25
C ARG B 286 -7.94 -14.17 12.59
N SER B 287 -7.88 -15.49 12.39
CA SER B 287 -8.97 -16.22 11.76
C SER B 287 -10.16 -16.37 12.70
N GLY B 288 -10.62 -15.25 13.26
CA GLY B 288 -11.74 -15.29 14.17
C GLY B 288 -13.08 -14.99 13.53
N ARG B 289 -14.05 -15.86 13.79
CA ARG B 289 -15.40 -15.69 13.24
C ARG B 289 -16.32 -15.30 14.40
N LEU B 290 -17.25 -14.40 14.13
CA LEU B 290 -18.19 -13.95 15.15
C LEU B 290 -19.64 -14.10 14.71
N ARG B 291 -20.45 -14.69 15.58
CA ARG B 291 -21.86 -14.90 15.31
C ARG B 291 -22.67 -14.73 16.59
N ALA B 292 -23.92 -14.33 16.45
CA ALA B 292 -24.79 -14.13 17.60
C ALA B 292 -26.25 -14.27 17.20
N ALA B 293 -27.10 -14.58 18.17
CA ALA B 293 -28.53 -14.73 17.93
C ALA B 293 -29.32 -14.34 19.18
N GLU B 294 -30.54 -13.87 18.96
CA GLU B 294 -31.40 -13.45 20.08
C GLU B 294 -32.62 -14.36 20.22
#